data_2VR2
#
_entry.id   2VR2
#
_cell.length_a   89.650
_cell.length_b   89.650
_cell.length_c   219.100
_cell.angle_alpha   90.00
_cell.angle_beta   90.00
_cell.angle_gamma   120.00
#
_symmetry.space_group_name_H-M   'P 64 2 2'
#
loop_
_entity.id
_entity.type
_entity.pdbx_description
1 polymer DIHYDROPYRIMIDINASE
2 non-polymer 'ZINC ION'
3 non-polymer 'CHLORIDE ION'
4 water water
#
_entity_poly.entity_id   1
_entity_poly.type   'polypeptide(L)'
_entity_poly.pdbx_seq_one_letter_code
;MHHHHHHSSGVDLGTENLYFQSMAAPSRLLIRGGRVVNDDFSEVADVLVEDGVVRALGHDLLPPGGAPAGLRVLDAAGKL
VLPGGIDTHTHMQFPFMGSRSIDDFHQGTKAALSGGTTMIIDFAIPQKGGSLIEAFETWRSWADPKVCCDYSLHVAVTWW
SDQVKEEMKILVQDKGVNSFKMFMAYKDLYMVTDLELYEAFSRCKEIGAIAQVHAENGDLIAEGAKKMLALGITGPEGHE
LCRPEAVEAEATLRAITIASAVNCPLYIVHVMSKSAAKVIADARRDGKVVYGEPIAASLGTDGTHYWNKEWHHAAHHVMG
PPLRPDPSTPDFLMNLLANDDLTTTGTDNCTFNTCQKALGKDDFTKIPNGVNGVEDRMSVIWEKGVHSGKMDENRFVAVT
STNAAKIFNLYPRKGRIAVGSDADIVIWDPKGTRTISAKTHHQAVNFNIFEGMVCHGVPLVTISRGKVVYEAGVFSVTAG
DGKFIPRKPFAEYIYKRIKQRDRTCTPTPVERAPYKGEVATLKSRVTKEDATAGTRKQAHP
;
_entity_poly.pdbx_strand_id   A
#
# COMPACT_ATOMS: atom_id res chain seq x y z
N SER A 27 18.44 0.75 -25.02
CA SER A 27 17.38 0.16 -25.89
C SER A 27 17.17 -1.33 -25.64
N ARG A 28 18.26 -2.11 -25.64
CA ARG A 28 18.22 -3.54 -25.38
C ARG A 28 19.00 -3.90 -24.11
N LEU A 29 18.37 -4.68 -23.23
CA LEU A 29 19.04 -5.15 -22.01
C LEU A 29 19.10 -6.68 -21.98
N LEU A 30 20.25 -7.20 -21.58
CA LEU A 30 20.44 -8.64 -21.41
C LEU A 30 20.95 -8.95 -20.01
N ILE A 31 20.02 -9.34 -19.13
CA ILE A 31 20.35 -9.78 -17.78
C ILE A 31 20.80 -11.25 -17.86
N ARG A 32 22.08 -11.49 -17.55
CA ARG A 32 22.70 -12.78 -17.80
C ARG A 32 23.09 -13.52 -16.53
N GLY A 33 22.93 -14.85 -16.55
CA GLY A 33 23.33 -15.72 -15.45
C GLY A 33 22.60 -15.53 -14.14
N GLY A 34 21.53 -14.73 -14.17
CA GLY A 34 20.74 -14.45 -12.98
C GLY A 34 19.69 -15.51 -12.71
N ARG A 35 19.19 -15.54 -11.49
CA ARG A 35 18.12 -16.45 -11.13
C ARG A 35 16.79 -15.69 -11.10
N VAL A 36 15.95 -15.96 -12.10
CA VAL A 36 14.65 -15.31 -12.24
C VAL A 36 13.67 -15.89 -11.23
N VAL A 37 13.18 -15.04 -10.34
CA VAL A 37 12.28 -15.44 -9.26
C VAL A 37 10.91 -14.80 -9.43
N ASN A 38 9.90 -15.63 -9.72
CA ASN A 38 8.51 -15.18 -9.74
C ASN A 38 7.74 -15.63 -8.50
N ASP A 39 6.44 -15.39 -8.48
CA ASP A 39 5.58 -15.79 -7.35
C ASP A 39 5.45 -17.30 -7.23
N ASP A 40 5.42 -17.98 -8.37
CA ASP A 40 5.12 -19.40 -8.45
C ASP A 40 6.36 -20.29 -8.54
N PHE A 41 7.45 -19.73 -9.04
CA PHE A 41 8.58 -20.53 -9.50
C PHE A 41 9.81 -19.66 -9.62
N SER A 42 10.97 -20.27 -9.46
CA SER A 42 12.24 -19.61 -9.78
C SER A 42 13.20 -20.56 -10.48
N GLU A 43 13.93 -20.04 -11.46
CA GLU A 43 14.92 -20.82 -12.20
C GLU A 43 16.03 -19.93 -12.74
N VAL A 44 17.16 -20.55 -13.08
CA VAL A 44 18.28 -19.86 -13.69
C VAL A 44 17.97 -19.62 -15.16
N ALA A 45 17.85 -18.34 -15.53
CA ALA A 45 17.53 -17.95 -16.90
C ALA A 45 18.07 -16.56 -17.24
N ASP A 46 18.04 -16.21 -18.52
CA ASP A 46 18.47 -14.89 -18.99
C ASP A 46 17.28 -14.09 -19.48
N VAL A 47 17.29 -12.79 -19.19
CA VAL A 47 16.17 -11.91 -19.54
C VAL A 47 16.58 -10.95 -20.64
N LEU A 48 15.88 -11.02 -21.77
CA LEU A 48 16.08 -10.10 -22.87
C LEU A 48 14.97 -9.03 -22.88
N VAL A 49 15.37 -7.79 -22.64
CA VAL A 49 14.45 -6.67 -22.57
C VAL A 49 14.59 -5.76 -23.79
N GLU A 50 13.48 -5.47 -24.45
CA GLU A 50 13.48 -4.58 -25.61
C GLU A 50 12.25 -3.68 -25.60
N ASP A 51 12.48 -2.38 -25.82
CA ASP A 51 11.43 -1.35 -25.85
C ASP A 51 10.50 -1.35 -24.62
N GLY A 52 11.07 -1.65 -23.45
CA GLY A 52 10.33 -1.62 -22.18
C GLY A 52 9.62 -2.91 -21.81
N VAL A 53 9.76 -3.93 -22.64
CA VAL A 53 9.08 -5.20 -22.45
C VAL A 53 10.06 -6.37 -22.47
N VAL A 54 9.84 -7.34 -21.58
CA VAL A 54 10.57 -8.61 -21.61
C VAL A 54 10.15 -9.37 -22.86
N ARG A 55 11.10 -9.57 -23.77
CA ARG A 55 10.84 -10.19 -25.06
C ARG A 55 11.22 -11.66 -25.12
N ALA A 56 12.18 -12.07 -24.28
CA ALA A 56 12.66 -13.46 -24.27
C ALA A 56 13.13 -13.94 -22.90
N LEU A 57 13.00 -15.25 -22.67
CA LEU A 57 13.53 -15.92 -21.50
C LEU A 57 14.09 -17.27 -21.90
N GLY A 58 15.25 -17.64 -21.35
CA GLY A 58 15.87 -18.91 -21.67
C GLY A 58 17.30 -19.07 -21.20
N HIS A 59 17.75 -20.32 -21.16
CA HIS A 59 19.11 -20.67 -20.72
C HIS A 59 19.97 -21.02 -21.93
N LEU A 71 21.93 -2.83 -26.25
CA LEU A 71 23.27 -3.34 -26.48
C LEU A 71 24.04 -3.63 -25.18
N ARG A 72 23.37 -3.52 -24.03
CA ARG A 72 24.04 -3.69 -22.72
C ARG A 72 23.76 -5.03 -22.02
N VAL A 73 24.82 -5.64 -21.52
CA VAL A 73 24.76 -6.90 -20.78
C VAL A 73 25.07 -6.66 -19.30
N LEU A 74 24.18 -7.10 -18.42
CA LEU A 74 24.40 -7.00 -16.98
C LEU A 74 24.66 -8.39 -16.39
N ASP A 75 25.78 -8.52 -15.68
CA ASP A 75 26.14 -9.77 -15.01
C ASP A 75 25.38 -9.93 -13.69
N ALA A 76 24.39 -10.82 -13.69
CA ALA A 76 23.57 -11.06 -12.50
C ALA A 76 23.84 -12.42 -11.86
N ALA A 77 25.01 -12.99 -12.18
CA ALA A 77 25.42 -14.28 -11.63
C ALA A 77 25.37 -14.28 -10.10
N GLY A 78 24.78 -15.32 -9.54
CA GLY A 78 24.66 -15.47 -8.08
C GLY A 78 23.70 -14.49 -7.44
N LYS A 79 22.93 -13.79 -8.26
CA LYS A 79 21.98 -12.78 -7.79
C LYS A 79 20.56 -13.13 -8.23
N LEU A 80 19.59 -12.38 -7.72
CA LEU A 80 18.18 -12.65 -7.99
C LEU A 80 17.58 -11.65 -8.96
N VAL A 81 16.75 -12.14 -9.87
CA VAL A 81 16.06 -11.27 -10.82
C VAL A 81 14.56 -11.26 -10.50
N LEU A 82 14.13 -10.22 -9.80
CA LEU A 82 12.77 -10.12 -9.28
C LEU A 82 11.96 -9.09 -10.05
N PRO A 83 10.64 -9.31 -10.16
CA PRO A 83 9.75 -8.26 -10.66
C PRO A 83 9.81 -7.06 -9.71
N GLY A 84 9.75 -5.86 -10.27
CA GLY A 84 9.79 -4.63 -9.49
C GLY A 84 8.64 -4.55 -8.52
N GLY A 85 8.91 -4.01 -7.34
CA GLY A 85 7.91 -3.87 -6.29
C GLY A 85 6.76 -2.98 -6.70
N ILE A 86 5.56 -3.38 -6.30
CA ILE A 86 4.37 -2.54 -6.42
C ILE A 86 3.94 -2.12 -5.01
N ASP A 87 4.14 -0.84 -4.71
CA ASP A 87 3.67 -0.25 -3.47
C ASP A 87 2.22 0.17 -3.70
N THR A 88 1.33 -0.37 -2.90
CA THR A 88 -0.11 -0.20 -3.09
C THR A 88 -0.66 1.03 -2.37
N HIS A 89 0.20 1.69 -1.58
CA HIS A 89 -0.25 2.73 -0.66
C HIS A 89 0.79 3.83 -0.46
N THR A 90 0.65 4.93 -1.20
CA THR A 90 1.48 6.12 -1.00
C THR A 90 0.63 7.39 -0.97
N HIS A 91 1.15 8.44 -0.32
CA HIS A 91 0.50 9.75 -0.28
C HIS A 91 1.51 10.86 -0.55
N MET A 92 2.01 10.93 -1.78
CA MET A 92 3.04 11.92 -2.16
C MET A 92 2.46 13.33 -2.17
N GLN A 93 3.29 14.31 -1.78
CA GLN A 93 2.90 15.73 -1.73
C GLN A 93 1.41 15.95 -1.41
N PHE A 94 1.03 15.58 -0.19
CA PHE A 94 -0.37 15.56 0.21
C PHE A 94 -0.68 16.68 1.21
N PRO A 95 -1.53 17.64 0.83
CA PRO A 95 -2.01 18.68 1.75
C PRO A 95 -3.00 18.10 2.78
N PHE A 96 -2.46 17.56 3.87
CA PHE A 96 -3.24 16.78 4.82
C PHE A 96 -3.84 17.64 5.94
N MET A 97 -3.07 17.83 7.02
CA MET A 97 -3.52 18.61 8.18
C MET A 97 -2.52 19.71 8.52
N GLY A 98 -2.72 20.87 7.89
CA GLY A 98 -1.86 22.04 8.11
C GLY A 98 -0.89 22.30 6.97
N SER A 99 -0.31 21.24 6.43
CA SER A 99 0.72 21.35 5.39
C SER A 99 0.69 20.20 4.38
N ARG A 100 1.70 20.15 3.50
CA ARG A 100 1.89 19.04 2.56
C ARG A 100 3.13 18.20 2.88
N SER A 101 3.10 16.92 2.53
CA SER A 101 4.22 16.02 2.74
C SER A 101 5.40 16.36 1.82
N ILE A 102 6.61 16.35 2.36
CA ILE A 102 7.80 16.78 1.62
C ILE A 102 8.25 15.82 0.51
N ASP A 103 7.93 14.54 0.64
CA ASP A 103 8.14 13.58 -0.44
C ASP A 103 7.09 13.78 -1.52
N ASP A 104 7.50 14.41 -2.62
CA ASP A 104 6.61 14.64 -3.77
C ASP A 104 6.74 13.51 -4.79
N PHE A 105 6.00 13.62 -5.89
CA PHE A 105 5.94 12.55 -6.89
C PHE A 105 7.25 12.32 -7.64
N HIS A 106 8.17 13.28 -7.59
CA HIS A 106 9.48 13.11 -8.20
C HIS A 106 10.46 12.43 -7.24
N GLN A 107 10.71 13.07 -6.11
CA GLN A 107 11.63 12.55 -5.09
C GLN A 107 11.13 11.24 -4.48
N GLY A 108 9.81 11.13 -4.32
CA GLY A 108 9.17 9.94 -3.77
C GLY A 108 9.36 8.71 -4.63
N THR A 109 9.26 8.90 -5.95
CA THR A 109 9.48 7.82 -6.91
C THR A 109 10.97 7.55 -7.09
N LYS A 110 11.77 8.61 -7.03
CA LYS A 110 13.22 8.49 -7.07
C LYS A 110 13.66 7.58 -5.92
N ALA A 111 13.12 7.85 -4.73
CA ALA A 111 13.39 7.05 -3.53
C ALA A 111 12.85 5.63 -3.67
N ALA A 112 11.67 5.50 -4.28
CA ALA A 112 11.07 4.18 -4.55
C ALA A 112 12.01 3.30 -5.38
N LEU A 113 12.54 3.86 -6.45
CA LEU A 113 13.43 3.14 -7.36
C LEU A 113 14.74 2.73 -6.70
N SER A 114 15.24 3.57 -5.80
CA SER A 114 16.46 3.30 -5.06
C SER A 114 16.30 2.16 -4.05
N GLY A 115 15.05 1.76 -3.82
CA GLY A 115 14.71 0.70 -2.87
C GLY A 115 14.23 -0.58 -3.49
N GLY A 116 13.93 -0.56 -4.79
CA GLY A 116 13.49 -1.74 -5.52
C GLY A 116 12.02 -1.70 -5.94
N THR A 117 11.36 -0.57 -5.69
CA THR A 117 9.95 -0.40 -6.03
C THR A 117 9.82 0.38 -7.34
N THR A 118 9.19 -0.23 -8.34
CA THR A 118 9.07 0.37 -9.68
C THR A 118 7.68 0.89 -9.99
N MET A 119 6.74 0.75 -9.05
CA MET A 119 5.40 1.29 -9.22
C MET A 119 4.78 1.71 -7.88
N ILE A 120 4.12 2.86 -7.89
CA ILE A 120 3.38 3.34 -6.74
C ILE A 120 1.91 3.54 -7.10
N ILE A 121 1.01 3.24 -6.16
CA ILE A 121 -0.40 3.54 -6.38
C ILE A 121 -0.86 4.54 -5.32
N ASP A 122 -0.96 5.80 -5.73
CA ASP A 122 -1.26 6.90 -4.82
C ASP A 122 -2.78 7.10 -4.70
N PHE A 123 -3.18 8.00 -3.79
CA PHE A 123 -4.60 8.26 -3.52
C PHE A 123 -5.01 9.67 -3.94
N ALA A 124 -6.09 9.75 -4.71
CA ALA A 124 -6.68 11.04 -5.06
C ALA A 124 -7.79 11.37 -4.07
N ILE A 125 -7.50 12.28 -3.16
CA ILE A 125 -8.41 12.59 -2.04
C ILE A 125 -9.13 13.93 -2.24
N PRO A 126 -10.44 13.88 -2.55
CA PRO A 126 -11.23 15.10 -2.59
C PRO A 126 -11.72 15.49 -1.20
N GLN A 127 -12.03 16.76 -0.99
CA GLN A 127 -12.64 17.20 0.24
C GLN A 127 -14.14 16.88 0.22
N LYS A 128 -14.77 16.89 1.39
CA LYS A 128 -16.23 16.74 1.48
C LYS A 128 -16.89 17.82 0.66
N GLY A 129 -17.71 17.41 -0.31
CA GLY A 129 -18.39 18.34 -1.21
C GLY A 129 -17.62 18.59 -2.50
N GLY A 130 -16.37 18.11 -2.54
CA GLY A 130 -15.51 18.26 -3.71
C GLY A 130 -15.72 17.13 -4.71
N SER A 131 -15.46 17.43 -5.99
CA SER A 131 -15.63 16.46 -7.07
C SER A 131 -14.52 15.40 -7.08
N LEU A 132 -14.90 14.15 -7.34
CA LEU A 132 -13.94 13.04 -7.41
C LEU A 132 -13.08 13.11 -8.67
N ILE A 133 -13.71 13.36 -9.82
CA ILE A 133 -12.98 13.47 -11.10
C ILE A 133 -12.00 14.65 -11.08
N GLU A 134 -12.40 15.73 -10.40
CA GLU A 134 -11.56 16.93 -10.24
C GLU A 134 -10.29 16.61 -9.44
N ALA A 135 -10.47 15.86 -8.36
CA ALA A 135 -9.34 15.42 -7.53
C ALA A 135 -8.41 14.49 -8.31
N PHE A 136 -8.99 13.58 -9.08
CA PHE A 136 -8.25 12.65 -9.93
C PHE A 136 -7.38 13.40 -10.95
N GLU A 137 -7.98 14.38 -11.62
CA GLU A 137 -7.27 15.19 -12.63
C GLU A 137 -6.19 16.06 -12.00
N THR A 138 -6.47 16.61 -10.81
CA THR A 138 -5.51 17.39 -10.06
C THR A 138 -4.30 16.54 -9.69
N TRP A 139 -4.56 15.36 -9.11
CA TRP A 139 -3.50 14.42 -8.73
C TRP A 139 -2.67 13.92 -9.91
N ARG A 140 -3.30 13.84 -11.09
CA ARG A 140 -2.59 13.45 -12.31
C ARG A 140 -1.62 14.53 -12.77
N SER A 141 -2.06 15.79 -12.73
CA SER A 141 -1.22 16.92 -13.15
C SER A 141 -0.05 17.15 -12.20
N TRP A 142 -0.21 16.76 -10.93
CA TRP A 142 0.88 16.81 -9.97
C TRP A 142 1.91 15.72 -10.27
N ALA A 143 1.43 14.55 -10.67
CA ALA A 143 2.28 13.36 -10.82
C ALA A 143 2.91 13.20 -12.20
N ASP A 144 2.10 13.33 -13.26
CA ASP A 144 2.54 13.06 -14.63
C ASP A 144 3.93 13.64 -15.01
N PRO A 145 4.14 14.96 -14.83
CA PRO A 145 5.46 15.53 -15.15
C PRO A 145 6.56 15.21 -14.13
N LYS A 146 6.19 14.71 -12.96
CA LYS A 146 7.16 14.45 -11.88
C LYS A 146 7.65 13.00 -11.79
N VAL A 147 6.73 12.05 -11.91
CA VAL A 147 6.99 10.63 -11.62
C VAL A 147 8.15 10.01 -12.42
N CYS A 148 8.97 9.22 -11.73
CA CYS A 148 10.13 8.57 -12.32
C CYS A 148 9.88 7.12 -12.66
N CYS A 149 8.87 6.54 -12.02
CA CYS A 149 8.45 5.17 -12.28
C CYS A 149 6.96 5.16 -12.60
N ASP A 150 6.49 4.05 -13.19
CA ASP A 150 5.08 3.90 -13.52
C ASP A 150 4.22 4.04 -12.28
N TYR A 151 2.99 4.51 -12.45
CA TYR A 151 2.09 4.67 -11.30
C TYR A 151 0.62 4.55 -11.71
N SER A 152 -0.25 4.45 -10.71
CA SER A 152 -1.69 4.54 -10.90
C SER A 152 -2.32 5.20 -9.68
N LEU A 153 -3.65 5.35 -9.69
CA LEU A 153 -4.34 6.06 -8.61
C LEU A 153 -5.58 5.35 -8.07
N HIS A 154 -5.63 5.25 -6.73
CA HIS A 154 -6.88 4.99 -6.02
C HIS A 154 -7.60 6.33 -5.90
N VAL A 155 -8.92 6.29 -5.78
CA VAL A 155 -9.73 7.50 -5.57
C VAL A 155 -10.59 7.33 -4.32
N ALA A 156 -10.56 8.32 -3.43
CA ALA A 156 -11.32 8.25 -2.18
C ALA A 156 -12.74 8.78 -2.30
N VAL A 157 -13.69 7.99 -1.80
CA VAL A 157 -15.07 8.40 -1.67
C VAL A 157 -15.23 8.99 -0.26
N THR A 158 -15.10 10.31 -0.17
CA THR A 158 -15.06 11.01 1.11
C THR A 158 -16.44 11.53 1.55
N TRP A 159 -17.40 11.48 0.64
CA TRP A 159 -18.79 11.87 0.92
C TRP A 159 -19.72 11.12 -0.04
N TRP A 160 -21.02 11.18 0.20
CA TRP A 160 -21.95 10.39 -0.61
C TRP A 160 -23.19 11.15 -1.11
N SER A 161 -23.43 11.04 -2.41
CA SER A 161 -24.65 11.55 -3.06
C SER A 161 -24.86 10.82 -4.39
N ASP A 162 -25.84 11.25 -5.16
CA ASP A 162 -26.07 10.71 -6.51
C ASP A 162 -24.97 11.17 -7.47
N GLN A 163 -24.35 12.31 -7.16
CA GLN A 163 -23.28 12.88 -7.97
C GLN A 163 -21.97 12.10 -7.78
N VAL A 164 -21.69 11.70 -6.55
CA VAL A 164 -20.56 10.82 -6.24
C VAL A 164 -20.78 9.47 -6.92
N LYS A 165 -22.00 8.97 -6.81
CA LYS A 165 -22.42 7.69 -7.39
C LYS A 165 -22.12 7.62 -8.88
N GLU A 166 -22.38 8.72 -9.59
CA GLU A 166 -22.13 8.81 -11.02
C GLU A 166 -20.65 8.99 -11.36
N GLU A 167 -19.97 9.87 -10.64
CA GLU A 167 -18.55 10.13 -10.85
C GLU A 167 -17.70 8.87 -10.69
N MET A 168 -18.16 7.94 -9.88
CA MET A 168 -17.48 6.66 -9.68
C MET A 168 -17.48 5.82 -10.96
N LYS A 169 -18.59 5.83 -11.67
CA LYS A 169 -18.75 5.06 -12.91
C LYS A 169 -17.85 5.60 -14.04
N ILE A 170 -17.71 6.91 -14.10
CA ILE A 170 -16.89 7.58 -15.11
C ILE A 170 -15.40 7.26 -14.90
N LEU A 171 -14.96 7.33 -13.64
CA LEU A 171 -13.57 7.02 -13.28
C LEU A 171 -13.15 5.60 -13.67
N VAL A 172 -14.12 4.68 -13.65
CA VAL A 172 -13.88 3.30 -14.03
C VAL A 172 -13.85 3.14 -15.56
N GLN A 173 -14.87 3.67 -16.22
CA GLN A 173 -15.00 3.57 -17.68
C GLN A 173 -13.93 4.35 -18.45
N ASP A 174 -13.69 5.59 -18.02
CA ASP A 174 -12.92 6.54 -18.81
C ASP A 174 -11.51 6.85 -18.30
N LYS A 175 -11.30 6.68 -17.00
CA LYS A 175 -10.06 7.13 -16.36
C LYS A 175 -9.16 5.98 -15.91
N GLY A 176 -9.69 4.76 -15.94
CA GLY A 176 -8.91 3.57 -15.57
C GLY A 176 -8.71 3.40 -14.06
N VAL A 177 -9.80 3.55 -13.31
CA VAL A 177 -9.80 3.36 -11.86
C VAL A 177 -10.63 2.12 -11.50
N ASN A 178 -10.08 1.24 -10.67
CA ASN A 178 -10.84 0.09 -10.20
C ASN A 178 -10.81 -0.08 -8.68
N SER A 179 -10.54 1.01 -7.97
CA SER A 179 -10.44 0.99 -6.51
C SER A 179 -10.85 2.31 -5.90
N PHE A 180 -11.61 2.22 -4.81
CA PHE A 180 -12.11 3.39 -4.10
C PHE A 180 -11.92 3.22 -2.60
N LYS A 181 -11.33 4.25 -1.96
CA LYS A 181 -11.09 4.23 -0.52
C LYS A 181 -12.19 4.97 0.23
N MET A 182 -12.77 4.31 1.23
CA MET A 182 -13.75 4.94 2.11
C MET A 182 -13.20 4.99 3.53
N PHE A 183 -13.55 6.04 4.27
CA PHE A 183 -13.00 6.27 5.61
C PHE A 183 -14.00 6.03 6.72
N MET A 184 -13.62 5.17 7.67
CA MET A 184 -14.42 4.96 8.88
C MET A 184 -13.90 5.87 9.99
N ALA A 185 -12.66 6.34 9.82
CA ALA A 185 -12.04 7.29 10.74
C ALA A 185 -12.11 8.72 10.18
N TYR A 186 -11.48 9.65 10.89
CA TYR A 186 -11.42 11.07 10.51
C TYR A 186 -12.79 11.74 10.46
N LYS A 187 -13.38 11.96 11.64
CA LYS A 187 -14.70 12.58 11.77
C LYS A 187 -14.66 14.04 11.28
N ASP A 188 -15.72 14.43 10.57
CA ASP A 188 -15.85 15.78 10.00
C ASP A 188 -14.81 16.12 8.93
N LEU A 189 -14.13 15.09 8.42
CA LEU A 189 -13.09 15.27 7.41
C LEU A 189 -13.29 14.31 6.24
N TYR A 190 -13.30 13.00 6.53
CA TYR A 190 -13.47 11.97 5.51
C TYR A 190 -14.47 10.87 5.92
N MET A 191 -14.88 10.87 7.18
CA MET A 191 -15.73 9.81 7.73
C MET A 191 -17.08 9.67 7.04
N VAL A 192 -17.49 8.42 6.81
CA VAL A 192 -18.83 8.11 6.32
C VAL A 192 -19.55 7.14 7.27
N THR A 193 -20.88 7.21 7.29
CA THR A 193 -21.69 6.34 8.15
C THR A 193 -21.78 4.91 7.58
N ASP A 194 -22.37 4.01 8.36
CA ASP A 194 -22.55 2.61 7.93
C ASP A 194 -23.46 2.50 6.71
N LEU A 195 -24.50 3.35 6.66
CA LEU A 195 -25.40 3.42 5.49
C LEU A 195 -24.65 3.87 4.24
N GLU A 196 -23.77 4.85 4.40
CA GLU A 196 -22.94 5.34 3.30
C GLU A 196 -21.88 4.31 2.87
N LEU A 197 -21.35 3.55 3.83
CA LEU A 197 -20.48 2.41 3.53
C LEU A 197 -21.24 1.33 2.75
N TYR A 198 -22.47 1.08 3.17
CA TYR A 198 -23.38 0.15 2.49
C TYR A 198 -23.59 0.58 1.04
N GLU A 199 -23.85 1.87 0.84
CA GLU A 199 -24.11 2.41 -0.50
C GLU A 199 -22.84 2.43 -1.34
N ALA A 200 -21.73 2.85 -0.73
CA ALA A 200 -20.45 2.94 -1.45
C ALA A 200 -19.95 1.57 -1.90
N PHE A 201 -20.17 0.55 -1.08
CA PHE A 201 -19.79 -0.83 -1.44
C PHE A 201 -20.67 -1.35 -2.57
N SER A 202 -21.97 -1.07 -2.49
CA SER A 202 -22.93 -1.45 -3.53
C SER A 202 -22.54 -0.90 -4.89
N ARG A 203 -22.04 0.33 -4.91
CA ARG A 203 -21.63 0.98 -6.15
C ARG A 203 -20.34 0.38 -6.69
N CYS A 204 -19.39 0.14 -5.80
CA CYS A 204 -18.14 -0.54 -6.15
C CYS A 204 -18.43 -1.87 -6.85
N LYS A 205 -19.45 -2.58 -6.36
CA LYS A 205 -19.83 -3.88 -6.93
C LYS A 205 -20.41 -3.73 -8.33
N GLU A 206 -21.33 -2.80 -8.50
CA GLU A 206 -22.03 -2.60 -9.77
C GLU A 206 -21.10 -2.22 -10.93
N ILE A 207 -20.02 -1.50 -10.61
CA ILE A 207 -19.09 -1.00 -11.63
C ILE A 207 -17.78 -1.80 -11.73
N GLY A 208 -17.64 -2.82 -10.89
CA GLY A 208 -16.50 -3.74 -10.96
C GLY A 208 -15.22 -3.24 -10.30
N ALA A 209 -15.37 -2.46 -9.24
CA ALA A 209 -14.23 -1.93 -8.50
C ALA A 209 -14.11 -2.59 -7.14
N ILE A 210 -12.90 -2.67 -6.61
CA ILE A 210 -12.68 -3.12 -5.23
C ILE A 210 -12.89 -1.95 -4.26
N ALA A 211 -13.43 -2.26 -3.07
CA ALA A 211 -13.58 -1.27 -2.02
C ALA A 211 -12.41 -1.33 -1.05
N GLN A 212 -11.77 -0.18 -0.85
CA GLN A 212 -10.74 -0.02 0.16
C GLN A 212 -11.32 0.72 1.35
N VAL A 213 -10.96 0.29 2.56
CA VAL A 213 -11.44 0.95 3.77
C VAL A 213 -10.32 1.22 4.77
N HIS A 214 -10.35 2.41 5.36
CA HIS A 214 -9.53 2.74 6.53
C HIS A 214 -10.34 2.38 7.75
N ALA A 215 -9.99 1.26 8.38
CA ALA A 215 -10.80 0.69 9.46
C ALA A 215 -10.39 1.18 10.84
N GLU A 216 -11.07 2.24 11.29
CA GLU A 216 -10.95 2.76 12.66
C GLU A 216 -12.25 3.46 12.99
N ASN A 217 -12.76 3.25 14.20
CA ASN A 217 -14.00 3.90 14.65
C ASN A 217 -13.78 5.40 14.90
N GLY A 218 -14.24 6.21 13.95
CA GLY A 218 -14.07 7.67 13.99
C GLY A 218 -14.76 8.38 15.14
N ASP A 219 -15.84 7.78 15.64
CA ASP A 219 -16.57 8.32 16.79
C ASP A 219 -15.78 8.10 18.09
N LEU A 220 -15.13 6.94 18.20
CA LEU A 220 -14.32 6.62 19.38
C LEU A 220 -12.99 7.38 19.41
N ILE A 221 -12.37 7.57 18.25
CA ILE A 221 -11.11 8.31 18.16
C ILE A 221 -11.28 9.79 18.52
N ALA A 222 -12.47 10.34 18.24
CA ALA A 222 -12.78 11.74 18.55
C ALA A 222 -13.04 11.94 20.04
N GLU A 223 -13.87 11.08 20.62
CA GLU A 223 -14.19 11.14 22.04
C GLU A 223 -12.98 10.78 22.89
N GLY A 224 -12.17 9.83 22.40
CA GLY A 224 -10.94 9.42 23.06
C GLY A 224 -9.91 10.53 23.12
N ALA A 225 -9.79 11.28 22.02
CA ALA A 225 -8.82 12.37 21.93
C ALA A 225 -9.15 13.52 22.88
N LYS A 226 -10.44 13.78 23.08
CA LYS A 226 -10.88 14.75 24.08
C LYS A 226 -10.42 14.33 25.48
N LYS A 227 -10.66 13.05 25.81
CA LYS A 227 -10.32 12.48 27.12
C LYS A 227 -8.83 12.61 27.44
N MET A 228 -7.98 12.31 26.46
CA MET A 228 -6.53 12.35 26.65
C MET A 228 -6.02 13.76 26.92
N LEU A 229 -6.49 14.74 26.14
CA LEU A 229 -6.12 16.14 26.31
C LEU A 229 -6.68 16.71 27.62
N ALA A 230 -7.87 16.26 28.01
CA ALA A 230 -8.49 16.63 29.27
C ALA A 230 -7.73 16.06 30.46
N LEU A 231 -6.99 14.99 30.21
CA LEU A 231 -6.11 14.38 31.21
C LEU A 231 -4.70 14.98 31.16
N GLY A 232 -4.45 15.80 30.15
CA GLY A 232 -3.17 16.49 30.02
C GLY A 232 -2.11 15.73 29.22
N ILE A 233 -2.51 14.64 28.58
CA ILE A 233 -1.62 13.89 27.69
C ILE A 233 -1.65 14.54 26.31
N THR A 234 -0.68 15.40 26.05
CA THR A 234 -0.62 16.17 24.80
C THR A 234 0.43 15.61 23.84
N GLY A 235 1.26 14.70 24.34
CA GLY A 235 2.32 14.07 23.54
C GLY A 235 1.80 12.99 22.60
N PRO A 236 2.69 12.45 21.74
CA PRO A 236 2.35 11.42 20.77
C PRO A 236 1.84 10.10 21.37
N GLU A 237 2.09 9.86 22.66
CA GLU A 237 1.60 8.64 23.31
C GLU A 237 0.07 8.63 23.43
N GLY A 238 -0.51 9.82 23.52
CA GLY A 238 -1.97 10.00 23.58
C GLY A 238 -2.64 9.66 22.26
N HIS A 239 -1.90 9.78 21.17
CA HIS A 239 -2.36 9.40 19.84
C HIS A 239 -2.70 7.91 19.78
N GLU A 240 -1.80 7.07 20.31
CA GLU A 240 -2.04 5.62 20.37
C GLU A 240 -3.04 5.26 21.47
N LEU A 241 -2.93 5.92 22.62
CA LEU A 241 -3.80 5.63 23.76
C LEU A 241 -5.27 5.90 23.52
N CYS A 242 -5.58 6.87 22.65
CA CYS A 242 -6.96 7.20 22.33
C CYS A 242 -7.55 6.29 21.25
N ARG A 243 -6.70 5.47 20.65
CA ARG A 243 -7.10 4.55 19.58
C ARG A 243 -6.56 3.14 19.83
N PRO A 244 -6.89 2.51 20.97
CA PRO A 244 -6.37 1.15 21.16
C PRO A 244 -6.84 0.21 20.05
N GLU A 245 -6.13 -0.90 19.85
CA GLU A 245 -6.37 -1.77 18.71
C GLU A 245 -7.79 -2.37 18.62
N ALA A 246 -8.53 -2.33 19.73
CA ALA A 246 -9.94 -2.71 19.74
C ALA A 246 -10.75 -1.85 18.78
N VAL A 247 -10.41 -0.56 18.74
CA VAL A 247 -11.06 0.42 17.85
C VAL A 247 -10.82 0.07 16.38
N GLU A 248 -9.56 -0.24 16.06
CA GLU A 248 -9.19 -0.70 14.72
C GLU A 248 -9.90 -2.01 14.36
N ALA A 249 -9.89 -2.96 15.29
CA ALA A 249 -10.48 -4.29 15.06
C ALA A 249 -12.00 -4.24 14.90
N GLU A 250 -12.66 -3.39 15.70
CA GLU A 250 -14.11 -3.21 15.61
C GLU A 250 -14.53 -2.75 14.22
N ALA A 251 -13.87 -1.71 13.72
CA ALA A 251 -14.19 -1.15 12.41
C ALA A 251 -13.89 -2.14 11.28
N THR A 252 -12.80 -2.88 11.43
CA THR A 252 -12.40 -3.92 10.48
C THR A 252 -13.52 -4.95 10.29
N LEU A 253 -14.03 -5.47 11.41
CA LEU A 253 -15.11 -6.46 11.38
C LEU A 253 -16.38 -5.85 10.79
N ARG A 254 -16.63 -4.58 11.12
CA ARG A 254 -17.79 -3.86 10.59
C ARG A 254 -17.71 -3.74 9.08
N ALA A 255 -16.58 -3.24 8.58
CA ALA A 255 -16.32 -3.16 7.15
C ALA A 255 -16.58 -4.50 6.47
N ILE A 256 -15.98 -5.55 7.01
CA ILE A 256 -16.16 -6.92 6.51
C ILE A 256 -17.64 -7.33 6.49
N THR A 257 -18.36 -7.02 7.57
CA THR A 257 -19.79 -7.33 7.68
C THR A 257 -20.67 -6.58 6.67
N ILE A 258 -20.40 -5.28 6.48
CA ILE A 258 -21.14 -4.49 5.49
C ILE A 258 -20.85 -5.03 4.09
N ALA A 259 -19.58 -5.29 3.81
CA ALA A 259 -19.15 -5.77 2.50
C ALA A 259 -19.72 -7.15 2.17
N SER A 260 -19.73 -8.03 3.15
CA SER A 260 -20.25 -9.39 3.01
C SER A 260 -21.78 -9.40 2.76
N ALA A 261 -22.48 -8.46 3.37
CA ALA A 261 -23.94 -8.36 3.22
C ALA A 261 -24.35 -7.83 1.84
N VAL A 262 -23.43 -7.12 1.20
CA VAL A 262 -23.66 -6.57 -0.14
C VAL A 262 -23.00 -7.43 -1.24
N ASN A 263 -22.09 -8.31 -0.83
CA ASN A 263 -21.29 -9.13 -1.74
C ASN A 263 -20.32 -8.27 -2.57
N CYS A 264 -19.56 -7.43 -1.87
CA CYS A 264 -18.59 -6.53 -2.47
C CYS A 264 -17.19 -6.89 -1.98
N PRO A 265 -16.22 -7.03 -2.90
CA PRO A 265 -14.85 -7.40 -2.50
C PRO A 265 -14.19 -6.30 -1.67
N LEU A 266 -13.52 -6.70 -0.60
CA LEU A 266 -13.00 -5.74 0.37
C LEU A 266 -11.47 -5.77 0.47
N TYR A 267 -10.91 -4.59 0.70
CA TYR A 267 -9.47 -4.42 0.86
C TYR A 267 -9.26 -3.53 2.08
N ILE A 268 -8.48 -4.03 3.05
CA ILE A 268 -8.26 -3.31 4.30
C ILE A 268 -6.85 -2.72 4.29
N VAL A 269 -6.77 -1.40 4.22
CA VAL A 269 -5.50 -0.70 4.08
C VAL A 269 -4.74 -0.59 5.40
N HIS A 270 -3.43 -0.37 5.31
CA HIS A 270 -2.51 -0.31 6.45
C HIS A 270 -2.98 -1.00 7.74
N VAL A 271 -2.95 -2.33 7.72
CA VAL A 271 -3.25 -3.14 8.91
C VAL A 271 -2.09 -2.98 9.89
N MET A 272 -2.41 -2.58 11.12
CA MET A 272 -1.39 -2.22 12.10
C MET A 272 -1.33 -3.15 13.32
N SER A 273 -2.44 -3.80 13.63
CA SER A 273 -2.54 -4.56 14.87
C SER A 273 -2.76 -6.06 14.66
N LYS A 274 -2.44 -6.84 15.69
CA LYS A 274 -2.67 -8.29 15.69
C LYS A 274 -4.16 -8.59 15.65
N SER A 275 -4.94 -7.83 16.43
CA SER A 275 -6.39 -7.99 16.51
C SER A 275 -7.08 -7.77 15.17
N ALA A 276 -6.73 -6.69 14.50
CA ALA A 276 -7.32 -6.36 13.18
C ALA A 276 -6.93 -7.40 12.14
N ALA A 277 -5.69 -7.86 12.20
CA ALA A 277 -5.20 -8.92 11.32
C ALA A 277 -5.88 -10.25 11.61
N LYS A 278 -6.11 -10.52 12.90
CA LYS A 278 -6.79 -11.74 13.36
C LYS A 278 -8.22 -11.80 12.83
N VAL A 279 -8.86 -10.62 12.73
CA VAL A 279 -10.22 -10.52 12.22
C VAL A 279 -10.25 -10.83 10.72
N ILE A 280 -9.34 -10.21 9.97
CA ILE A 280 -9.23 -10.45 8.53
C ILE A 280 -8.93 -11.92 8.24
N ALA A 281 -8.01 -12.51 9.00
CA ALA A 281 -7.63 -13.91 8.84
C ALA A 281 -8.83 -14.84 8.99
N ASP A 282 -9.61 -14.64 10.06
CA ASP A 282 -10.78 -15.47 10.35
C ASP A 282 -11.90 -15.22 9.35
N ALA A 283 -12.02 -14.00 8.86
CA ALA A 283 -13.02 -13.63 7.86
C ALA A 283 -12.79 -14.42 6.57
N ARG A 284 -11.54 -14.40 6.10
CA ARG A 284 -11.12 -15.16 4.91
C ARG A 284 -11.28 -16.66 5.10
N ARG A 285 -11.04 -17.12 6.34
CA ARG A 285 -11.22 -18.50 6.72
C ARG A 285 -12.70 -18.90 6.59
N ASP A 286 -13.59 -17.95 6.92
CA ASP A 286 -15.04 -18.15 6.79
C ASP A 286 -15.53 -17.90 5.36
N GLY A 287 -14.62 -17.53 4.46
CA GLY A 287 -14.93 -17.44 3.04
C GLY A 287 -15.33 -16.05 2.56
N LYS A 288 -15.14 -15.05 3.40
CA LYS A 288 -15.37 -13.66 3.02
C LYS A 288 -14.30 -13.18 2.06
N VAL A 289 -14.72 -12.45 1.03
CA VAL A 289 -13.79 -11.88 0.06
C VAL A 289 -13.23 -10.57 0.62
N VAL A 290 -12.10 -10.71 1.31
CA VAL A 290 -11.44 -9.58 1.97
C VAL A 290 -9.92 -9.76 1.90
N TYR A 291 -9.20 -8.67 1.67
CA TYR A 291 -7.75 -8.72 1.56
C TYR A 291 -7.11 -7.71 2.48
N GLY A 292 -6.01 -8.10 3.11
CA GLY A 292 -5.33 -7.26 4.10
C GLY A 292 -4.01 -6.74 3.61
N GLU A 293 -3.77 -5.46 3.86
CA GLU A 293 -2.54 -4.80 3.44
C GLU A 293 -1.77 -4.27 4.65
N PRO A 294 -0.86 -5.10 5.21
CA PRO A 294 0.08 -4.56 6.20
C PRO A 294 1.09 -3.63 5.53
N ILE A 295 1.65 -2.70 6.29
CA ILE A 295 2.63 -1.76 5.74
C ILE A 295 4.02 -1.96 6.34
N ALA A 296 5.04 -1.46 5.64
CA ALA A 296 6.43 -1.57 6.07
C ALA A 296 6.59 -1.21 7.54
N ALA A 297 5.91 -0.14 7.97
CA ALA A 297 5.97 0.36 9.34
C ALA A 297 5.57 -0.71 10.35
N SER A 298 4.44 -1.36 10.13
CA SER A 298 3.92 -2.36 11.05
C SER A 298 4.62 -3.72 10.94
N LEU A 299 5.48 -3.87 9.93
CA LEU A 299 6.27 -5.09 9.77
C LEU A 299 7.71 -4.92 10.26
N GLY A 300 8.17 -3.68 10.34
CA GLY A 300 9.57 -3.37 10.67
C GLY A 300 9.81 -2.77 12.05
N THR A 301 8.81 -2.04 12.55
CA THR A 301 8.90 -1.39 13.86
C THR A 301 7.58 -1.49 14.63
N ASP A 302 7.56 -1.00 15.86
CA ASP A 302 6.37 -1.03 16.71
C ASP A 302 5.99 0.36 17.26
N GLY A 303 5.06 0.38 18.20
CA GLY A 303 4.57 1.63 18.80
C GLY A 303 5.13 1.98 20.17
N THR A 304 6.11 1.22 20.64
CA THR A 304 6.79 1.56 21.91
C THR A 304 7.52 2.89 21.79
N HIS A 305 7.81 3.28 20.54
CA HIS A 305 8.52 4.52 20.23
C HIS A 305 7.70 5.79 20.52
N TYR A 306 6.39 5.64 20.71
CA TYR A 306 5.53 6.76 21.13
C TYR A 306 5.83 7.22 22.55
N TRP A 307 6.45 6.33 23.32
CA TRP A 307 6.82 6.60 24.71
C TRP A 307 8.26 7.05 24.88
N ASN A 308 8.96 7.26 23.76
CA ASN A 308 10.35 7.74 23.76
C ASN A 308 10.50 9.13 24.36
N LYS A 309 11.58 9.30 25.14
CA LYS A 309 11.83 10.51 25.93
C LYS A 309 11.95 11.80 25.12
N GLU A 310 12.38 11.69 23.86
CA GLU A 310 12.50 12.84 22.98
C GLU A 310 11.25 12.98 22.10
N TRP A 311 10.61 14.14 22.19
CA TRP A 311 9.33 14.38 21.51
C TRP A 311 9.35 14.06 20.01
N HIS A 312 10.39 14.53 19.31
CA HIS A 312 10.49 14.37 17.86
C HIS A 312 10.52 12.92 17.41
N HIS A 313 11.19 12.07 18.20
CA HIS A 313 11.25 10.63 17.91
C HIS A 313 9.85 10.03 17.90
N ALA A 314 9.08 10.32 18.95
CA ALA A 314 7.72 9.82 19.11
C ALA A 314 6.77 10.37 18.05
N ALA A 315 6.93 11.66 17.73
CA ALA A 315 6.08 12.34 16.75
C ALA A 315 6.27 11.80 15.33
N HIS A 316 7.49 11.36 15.04
CA HIS A 316 7.83 10.80 13.72
C HIS A 316 7.30 9.39 13.51
N HIS A 317 6.58 8.87 14.51
CA HIS A 317 5.94 7.56 14.39
C HIS A 317 4.41 7.67 14.32
N VAL A 318 3.89 8.90 14.37
CA VAL A 318 2.45 9.15 14.41
C VAL A 318 1.77 8.96 13.06
N MET A 319 0.82 8.04 13.02
CA MET A 319 0.02 7.76 11.83
C MET A 319 -1.30 7.09 12.21
N GLY A 320 -2.15 6.81 11.23
CA GLY A 320 -3.47 6.21 11.47
C GLY A 320 -3.75 4.96 10.64
N PRO A 321 -3.98 3.82 11.31
CA PRO A 321 -3.94 3.59 12.76
C PRO A 321 -2.51 3.65 13.28
N PRO A 322 -2.34 3.84 14.61
CA PRO A 322 -1.00 3.97 15.18
C PRO A 322 -0.21 2.66 15.15
N LEU A 323 1.10 2.76 15.29
CA LEU A 323 1.95 1.60 15.53
C LEU A 323 1.63 1.07 16.93
N ARG A 324 1.65 -0.25 17.09
CA ARG A 324 1.16 -0.86 18.33
C ARG A 324 2.27 -1.09 19.37
N PRO A 325 1.99 -0.78 20.66
CA PRO A 325 2.97 -0.92 21.75
C PRO A 325 3.25 -2.37 22.15
N ASP A 326 2.91 -3.30 21.27
CA ASP A 326 3.16 -4.72 21.45
C ASP A 326 4.34 -5.15 20.56
N PRO A 327 5.54 -5.30 21.15
CA PRO A 327 6.76 -5.66 20.41
C PRO A 327 6.64 -6.90 19.51
N SER A 328 5.70 -7.79 19.81
CA SER A 328 5.52 -9.01 19.01
C SER A 328 4.63 -8.83 17.78
N THR A 329 4.20 -7.60 17.50
CA THR A 329 3.34 -7.30 16.35
C THR A 329 4.04 -7.58 15.00
N PRO A 330 5.23 -6.98 14.75
CA PRO A 330 5.93 -7.24 13.49
C PRO A 330 6.09 -8.72 13.18
N ASP A 331 6.35 -9.53 14.20
CA ASP A 331 6.48 -10.98 14.07
C ASP A 331 5.15 -11.64 13.65
N PHE A 332 4.06 -11.27 14.32
CA PHE A 332 2.74 -11.82 14.03
C PHE A 332 2.24 -11.44 12.63
N LEU A 333 2.39 -10.16 12.29
CA LEU A 333 1.94 -9.65 10.99
C LEU A 333 2.70 -10.30 9.83
N MET A 334 4.02 -10.41 9.99
CA MET A 334 4.85 -11.11 9.01
C MET A 334 4.44 -12.57 8.85
N ASN A 335 4.16 -13.25 9.97
CA ASN A 335 3.72 -14.65 9.93
C ASN A 335 2.48 -14.88 9.07
N LEU A 336 1.45 -14.05 9.28
CA LEU A 336 0.20 -14.16 8.52
C LEU A 336 0.41 -13.80 7.06
N LEU A 337 1.27 -12.81 6.82
CA LEU A 337 1.64 -12.40 5.47
C LEU A 337 2.29 -13.55 4.69
N ALA A 338 3.17 -14.28 5.36
CA ALA A 338 3.82 -15.45 4.78
C ALA A 338 2.80 -16.55 4.46
N ASN A 339 1.76 -16.63 5.29
CA ASN A 339 0.72 -17.65 5.18
C ASN A 339 -0.45 -17.23 4.29
N ASP A 340 -0.38 -16.01 3.75
CA ASP A 340 -1.42 -15.46 2.87
C ASP A 340 -2.72 -15.07 3.59
N ASP A 341 -2.67 -15.00 4.92
CA ASP A 341 -3.78 -14.41 5.69
C ASP A 341 -3.83 -12.90 5.44
N LEU A 342 -2.65 -12.28 5.33
CA LEU A 342 -2.50 -10.94 4.77
C LEU A 342 -1.76 -11.14 3.45
N THR A 343 -2.13 -10.37 2.43
CA THR A 343 -1.68 -10.70 1.06
C THR A 343 -0.80 -9.66 0.34
N THR A 344 -1.12 -8.38 0.49
CA THR A 344 -0.37 -7.32 -0.19
C THR A 344 0.43 -6.44 0.77
N THR A 345 1.27 -5.58 0.21
CA THR A 345 2.12 -4.70 1.00
C THR A 345 2.15 -3.27 0.48
N GLY A 346 1.93 -2.32 1.40
CA GLY A 346 2.09 -0.90 1.11
C GLY A 346 3.04 -0.26 2.10
N THR A 347 3.09 1.07 2.11
CA THR A 347 3.93 1.79 3.04
C THR A 347 3.19 2.91 3.77
N ASP A 348 2.10 3.37 3.15
CA ASP A 348 1.34 4.55 3.59
C ASP A 348 2.28 5.76 3.68
N ASN A 349 3.31 5.75 2.83
CA ASN A 349 4.34 6.79 2.79
C ASN A 349 3.71 8.17 2.73
N CYS A 350 3.89 8.92 3.82
CA CYS A 350 3.32 10.25 3.96
C CYS A 350 4.24 11.03 4.89
N THR A 351 5.39 11.40 4.35
CA THR A 351 6.52 11.85 5.17
C THR A 351 6.49 13.34 5.47
N PHE A 352 6.76 13.69 6.72
CA PHE A 352 6.87 15.08 7.13
C PHE A 352 8.19 15.32 7.85
N ASN A 353 8.80 16.49 7.60
CA ASN A 353 10.01 16.90 8.31
C ASN A 353 9.76 17.08 9.80
N THR A 354 10.83 17.12 10.59
CA THR A 354 10.72 17.28 12.04
C THR A 354 9.97 18.55 12.42
N CYS A 355 10.30 19.65 11.74
CA CYS A 355 9.68 20.94 12.00
C CYS A 355 8.24 20.99 11.48
N GLN A 356 7.93 20.17 10.49
CA GLN A 356 6.56 20.03 9.99
C GLN A 356 5.70 19.30 11.01
N LYS A 357 6.23 18.20 11.55
CA LYS A 357 5.57 17.43 12.61
C LYS A 357 5.34 18.29 13.85
N ALA A 358 6.23 19.25 14.06
CA ALA A 358 6.20 20.14 15.24
C ALA A 358 4.91 20.96 15.41
N LEU A 359 4.07 20.97 14.38
CA LEU A 359 2.79 21.68 14.41
C LEU A 359 1.85 21.19 15.51
N GLY A 360 2.12 20.00 16.03
CA GLY A 360 1.33 19.43 17.13
C GLY A 360 2.18 19.14 18.35
N LYS A 361 3.04 20.08 18.70
CA LYS A 361 3.97 19.92 19.82
C LYS A 361 3.27 19.99 21.18
N ASP A 362 2.09 20.62 21.21
CA ASP A 362 1.32 20.77 22.44
C ASP A 362 -0.09 20.18 22.31
N ASP A 363 -0.31 19.46 21.21
CA ASP A 363 -1.62 18.91 20.88
C ASP A 363 -1.40 17.79 19.86
N PHE A 364 -1.48 16.54 20.30
CA PHE A 364 -1.18 15.39 19.43
C PHE A 364 -2.10 15.29 18.20
N THR A 365 -3.27 15.93 18.27
CA THR A 365 -4.23 15.91 17.18
C THR A 365 -3.78 16.80 16.01
N LYS A 366 -2.86 17.72 16.30
CA LYS A 366 -2.37 18.66 15.30
C LYS A 366 -1.06 18.21 14.65
N ILE A 367 -0.58 17.01 15.01
CA ILE A 367 0.60 16.42 14.38
C ILE A 367 0.22 15.83 13.02
N PRO A 368 0.88 16.28 11.93
CA PRO A 368 0.68 15.66 10.62
C PRO A 368 0.96 14.16 10.67
N ASN A 369 -0.06 13.35 10.38
CA ASN A 369 0.05 11.89 10.42
C ASN A 369 0.73 11.35 9.18
N GLY A 370 1.61 10.37 9.38
CA GLY A 370 2.33 9.73 8.28
C GLY A 370 3.77 9.41 8.61
N VAL A 371 4.28 8.32 8.02
CA VAL A 371 5.66 7.87 8.24
C VAL A 371 6.31 7.49 6.91
N ASN A 372 7.62 7.26 6.94
CA ASN A 372 8.37 6.81 5.77
C ASN A 372 8.19 5.33 5.50
N GLY A 373 8.58 4.88 4.31
CA GLY A 373 8.50 3.47 3.96
C GLY A 373 8.79 3.11 2.51
N VAL A 374 8.48 4.03 1.59
CA VAL A 374 8.51 3.74 0.15
C VAL A 374 9.83 3.12 -0.34
N GLU A 375 10.95 3.58 0.20
CA GLU A 375 12.27 3.12 -0.22
C GLU A 375 12.64 1.80 0.44
N ASP A 376 12.40 1.71 1.75
CA ASP A 376 12.92 0.60 2.56
C ASP A 376 12.02 -0.65 2.57
N ARG A 377 10.78 -0.50 2.10
CA ARG A 377 9.79 -1.58 2.12
C ARG A 377 10.39 -2.95 1.78
N MET A 378 10.99 -3.04 0.60
CA MET A 378 11.53 -4.30 0.06
C MET A 378 12.57 -4.94 0.98
N SER A 379 13.53 -4.12 1.44
CA SER A 379 14.61 -4.60 2.30
C SER A 379 14.13 -4.99 3.69
N VAL A 380 13.24 -4.18 4.25
CA VAL A 380 12.63 -4.47 5.56
C VAL A 380 11.91 -5.81 5.53
N ILE A 381 11.17 -6.07 4.45
CA ILE A 381 10.44 -7.33 4.29
C ILE A 381 11.36 -8.50 3.96
N TRP A 382 12.40 -8.27 3.16
CA TRP A 382 13.38 -9.32 2.91
C TRP A 382 14.06 -9.77 4.20
N GLU A 383 14.47 -8.80 5.01
CA GLU A 383 15.17 -9.07 6.27
C GLU A 383 14.24 -9.73 7.30
N LYS A 384 13.10 -9.09 7.57
CA LYS A 384 12.18 -9.58 8.59
C LYS A 384 11.34 -10.78 8.15
N GLY A 385 11.27 -11.01 6.83
CA GLY A 385 10.41 -12.06 6.28
C GLY A 385 11.11 -13.24 5.61
N VAL A 386 12.04 -12.94 4.70
CA VAL A 386 12.73 -13.99 3.94
C VAL A 386 13.92 -14.54 4.71
N HIS A 387 14.84 -13.65 5.09
CA HIS A 387 16.07 -14.03 5.80
C HIS A 387 15.77 -14.70 7.14
N SER A 388 14.64 -14.33 7.74
CA SER A 388 14.21 -14.89 9.01
C SER A 388 13.64 -16.31 8.87
N GLY A 389 13.39 -16.74 7.64
CA GLY A 389 12.92 -18.10 7.36
C GLY A 389 11.41 -18.23 7.35
N LYS A 390 10.71 -17.11 7.49
CA LYS A 390 9.25 -17.10 7.54
C LYS A 390 8.60 -17.35 6.18
N MET A 391 9.21 -16.82 5.11
CA MET A 391 8.71 -17.04 3.76
C MET A 391 9.81 -17.29 2.70
N ASP A 392 9.39 -17.92 1.59
CA ASP A 392 10.21 -18.09 0.38
C ASP A 392 10.60 -16.75 -0.25
N GLU A 393 11.51 -16.82 -1.22
CA GLU A 393 11.76 -15.71 -2.14
C GLU A 393 10.55 -15.52 -3.07
N ASN A 394 9.86 -16.62 -3.39
CA ASN A 394 8.67 -16.59 -4.24
C ASN A 394 7.49 -15.92 -3.55
N ARG A 395 7.33 -16.19 -2.26
CA ARG A 395 6.30 -15.56 -1.47
C ARG A 395 6.56 -14.05 -1.37
N PHE A 396 7.83 -13.69 -1.22
CA PHE A 396 8.27 -12.30 -1.17
C PHE A 396 7.87 -11.52 -2.44
N VAL A 397 8.03 -12.17 -3.60
CA VAL A 397 7.63 -11.59 -4.87
C VAL A 397 6.11 -11.36 -4.89
N ALA A 398 5.35 -12.39 -4.54
CA ALA A 398 3.89 -12.29 -4.45
C ALA A 398 3.45 -11.17 -3.51
N VAL A 399 4.17 -11.01 -2.42
CA VAL A 399 3.79 -10.12 -1.33
C VAL A 399 4.22 -8.66 -1.54
N THR A 400 5.20 -8.44 -2.41
CA THR A 400 5.67 -7.07 -2.69
C THR A 400 5.25 -6.59 -4.07
N SER A 401 4.73 -7.48 -4.90
CA SER A 401 4.44 -7.16 -6.30
C SER A 401 3.22 -7.88 -6.86
N THR A 402 3.31 -9.20 -6.97
CA THR A 402 2.36 -10.01 -7.75
C THR A 402 0.91 -9.94 -7.25
N ASN A 403 0.72 -10.11 -5.94
CA ASN A 403 -0.64 -10.08 -5.36
C ASN A 403 -1.32 -8.74 -5.60
N ALA A 404 -0.55 -7.66 -5.55
CA ALA A 404 -1.04 -6.33 -5.88
C ALA A 404 -1.52 -6.26 -7.32
N ALA A 405 -0.72 -6.82 -8.23
CA ALA A 405 -1.06 -6.84 -9.64
C ALA A 405 -2.40 -7.53 -9.89
N LYS A 406 -2.54 -8.74 -9.33
CA LYS A 406 -3.77 -9.52 -9.47
C LYS A 406 -5.01 -8.77 -8.95
N ILE A 407 -4.91 -8.18 -7.77
CA ILE A 407 -6.03 -7.48 -7.12
C ILE A 407 -6.47 -6.21 -7.87
N PHE A 408 -5.49 -5.41 -8.31
CA PHE A 408 -5.77 -4.16 -9.02
C PHE A 408 -5.71 -4.31 -10.54
N ASN A 409 -5.79 -5.55 -11.00
CA ASN A 409 -5.90 -5.91 -12.43
C ASN A 409 -4.69 -5.49 -13.30
N LEU A 410 -3.48 -5.70 -12.77
CA LEU A 410 -2.24 -5.36 -13.47
C LEU A 410 -1.42 -6.59 -13.85
N TYR A 411 -1.94 -7.77 -13.53
CA TYR A 411 -1.27 -9.05 -13.82
C TYR A 411 -1.72 -9.57 -15.19
N PRO A 412 -0.78 -10.14 -15.99
CA PRO A 412 0.65 -10.33 -15.72
C PRO A 412 1.54 -9.22 -16.30
N ARG A 413 0.94 -8.08 -16.67
CA ARG A 413 1.67 -6.92 -17.17
C ARG A 413 2.75 -6.47 -16.18
N LYS A 414 2.42 -6.56 -14.90
CA LYS A 414 3.36 -6.26 -13.82
C LYS A 414 3.32 -7.37 -12.78
N GLY A 415 4.33 -7.40 -11.92
CA GLY A 415 4.43 -8.45 -10.90
C GLY A 415 4.95 -9.78 -11.40
N ARG A 416 5.42 -9.81 -12.64
CA ARG A 416 5.90 -11.05 -13.25
C ARG A 416 6.96 -10.78 -14.32
N ILE A 417 8.00 -11.60 -14.30
CA ILE A 417 9.01 -11.58 -15.35
C ILE A 417 8.70 -12.70 -16.35
N ALA A 418 7.95 -12.33 -17.39
CA ALA A 418 7.54 -13.25 -18.45
C ALA A 418 7.50 -12.53 -19.79
N VAL A 419 7.45 -13.30 -20.87
CA VAL A 419 7.37 -12.73 -22.22
C VAL A 419 6.09 -11.91 -22.35
N GLY A 420 6.24 -10.62 -22.66
CA GLY A 420 5.10 -9.71 -22.81
C GLY A 420 4.92 -8.74 -21.66
N SER A 421 5.39 -9.12 -20.47
CA SER A 421 5.29 -8.30 -19.28
C SER A 421 6.20 -7.07 -19.35
N ASP A 422 5.79 -6.00 -18.67
CA ASP A 422 6.60 -4.78 -18.62
C ASP A 422 7.91 -5.00 -17.89
N ALA A 423 8.98 -4.40 -18.41
CA ALA A 423 10.31 -4.61 -17.86
C ALA A 423 10.56 -3.74 -16.63
N ASP A 424 9.85 -4.07 -15.56
CA ASP A 424 10.10 -3.49 -14.25
C ASP A 424 10.83 -4.53 -13.42
N ILE A 425 12.16 -4.45 -13.44
CA ILE A 425 13.01 -5.53 -12.91
C ILE A 425 14.04 -5.03 -11.90
N VAL A 426 14.26 -5.81 -10.85
CA VAL A 426 15.30 -5.52 -9.86
C VAL A 426 16.28 -6.68 -9.75
N ILE A 427 17.57 -6.37 -9.89
CA ILE A 427 18.64 -7.34 -9.61
C ILE A 427 18.98 -7.25 -8.13
N TRP A 428 18.68 -8.32 -7.41
CA TRP A 428 18.65 -8.34 -5.94
C TRP A 428 19.72 -9.26 -5.38
N ASP A 429 20.52 -8.72 -4.45
CA ASP A 429 21.54 -9.50 -3.76
C ASP A 429 21.08 -9.84 -2.35
N PRO A 430 20.72 -11.12 -2.12
CA PRO A 430 20.27 -11.57 -0.80
C PRO A 430 21.41 -11.70 0.20
N LYS A 431 22.60 -12.05 -0.28
CA LYS A 431 23.76 -12.28 0.58
C LYS A 431 24.30 -10.99 1.22
N GLY A 432 24.33 -9.90 0.44
CA GLY A 432 24.83 -8.62 0.91
C GLY A 432 23.92 -7.92 1.91
N THR A 433 24.52 -7.11 2.78
CA THR A 433 23.80 -6.35 3.79
C THR A 433 23.69 -4.87 3.44
N ARG A 434 22.91 -4.14 4.25
CA ARG A 434 22.65 -2.72 4.02
C ARG A 434 22.03 -2.11 5.28
N THR A 435 22.56 -0.96 5.71
CA THR A 435 22.02 -0.27 6.89
C THR A 435 21.13 0.88 6.47
N ILE A 436 19.92 0.92 7.03
CA ILE A 436 18.98 2.00 6.80
C ILE A 436 19.29 3.19 7.73
N SER A 437 19.43 4.37 7.13
CA SER A 437 19.70 5.59 7.89
C SER A 437 19.14 6.80 7.14
N ALA A 438 18.57 7.74 7.89
CA ALA A 438 18.05 8.98 7.31
C ALA A 438 19.16 9.86 6.71
N LYS A 439 20.39 9.54 7.07
CA LYS A 439 21.57 10.25 6.58
C LYS A 439 22.05 9.69 5.24
N THR A 440 21.56 8.50 4.88
CA THR A 440 22.00 7.82 3.66
C THR A 440 20.88 7.45 2.70
N HIS A 441 19.62 7.60 3.12
CA HIS A 441 18.48 7.27 2.25
C HIS A 441 18.20 8.34 1.19
N HIS A 442 17.30 8.02 0.25
CA HIS A 442 17.00 8.90 -0.87
C HIS A 442 15.65 9.60 -0.75
N GLN A 443 15.00 9.45 0.42
CA GLN A 443 13.74 10.14 0.71
C GLN A 443 14.00 11.58 1.16
N ALA A 444 13.01 12.45 0.98
CA ALA A 444 13.14 13.87 1.34
C ALA A 444 13.04 14.11 2.85
N VAL A 445 12.44 13.17 3.56
CA VAL A 445 12.24 13.26 5.01
C VAL A 445 13.57 13.12 5.77
N ASN A 446 13.75 13.94 6.81
CA ASN A 446 14.98 13.93 7.60
C ASN A 446 14.95 12.94 8.78
N PHE A 447 14.09 11.93 8.68
CA PHE A 447 13.95 10.93 9.74
C PHE A 447 13.53 9.58 9.16
N ASN A 448 14.08 8.50 9.71
CA ASN A 448 13.71 7.15 9.28
C ASN A 448 13.32 6.28 10.48
N ILE A 449 12.13 5.69 10.40
CA ILE A 449 11.60 4.84 11.49
C ILE A 449 12.29 3.48 11.53
N PHE A 450 13.03 3.15 10.47
CA PHE A 450 13.85 1.95 10.45
C PHE A 450 15.34 2.29 10.69
N GLU A 451 15.60 3.50 11.18
CA GLU A 451 16.97 3.97 11.47
C GLU A 451 17.81 2.91 12.21
N GLY A 452 18.96 2.58 11.65
CA GLY A 452 19.88 1.63 12.27
C GLY A 452 19.65 0.17 11.91
N MET A 453 18.54 -0.13 11.25
CA MET A 453 18.23 -1.50 10.86
C MET A 453 19.18 -2.03 9.79
N VAL A 454 19.86 -3.13 10.11
CA VAL A 454 20.67 -3.85 9.16
C VAL A 454 19.77 -4.82 8.39
N CYS A 455 19.76 -4.67 7.06
CA CYS A 455 18.90 -5.48 6.21
C CYS A 455 19.68 -6.27 5.18
N HIS A 456 19.39 -7.56 5.11
CA HIS A 456 19.84 -8.38 3.99
C HIS A 456 18.94 -8.09 2.79
N GLY A 457 19.48 -8.22 1.59
CA GLY A 457 18.73 -7.92 0.38
C GLY A 457 18.93 -6.50 -0.07
N VAL A 458 19.85 -6.32 -1.01
CA VAL A 458 20.22 -5.00 -1.53
C VAL A 458 19.89 -4.91 -3.03
N PRO A 459 19.18 -3.84 -3.45
CA PRO A 459 18.93 -3.67 -4.89
C PRO A 459 20.15 -3.07 -5.60
N LEU A 460 20.83 -3.90 -6.40
CA LEU A 460 22.03 -3.46 -7.11
C LEU A 460 21.66 -2.65 -8.34
N VAL A 461 20.67 -3.15 -9.09
CA VAL A 461 20.22 -2.52 -10.32
C VAL A 461 18.68 -2.49 -10.36
N THR A 462 18.12 -1.31 -10.58
CA THR A 462 16.68 -1.18 -10.77
C THR A 462 16.38 -0.77 -12.21
N ILE A 463 15.53 -1.57 -12.86
CA ILE A 463 15.13 -1.32 -14.24
C ILE A 463 13.66 -0.90 -14.28
N SER A 464 13.40 0.29 -14.81
CA SER A 464 12.04 0.78 -14.96
C SER A 464 11.75 1.08 -16.43
N ARG A 465 10.65 0.52 -16.92
CA ARG A 465 10.26 0.62 -18.33
C ARG A 465 11.39 0.22 -19.28
N GLY A 466 12.08 -0.87 -18.93
CA GLY A 466 13.16 -1.40 -19.74
C GLY A 466 14.46 -0.60 -19.72
N LYS A 467 14.53 0.39 -18.84
CA LYS A 467 15.68 1.29 -18.78
C LYS A 467 16.29 1.29 -17.37
N VAL A 468 17.60 1.12 -17.31
CA VAL A 468 18.32 1.13 -16.03
C VAL A 468 18.22 2.53 -15.43
N VAL A 469 17.58 2.62 -14.26
CA VAL A 469 17.29 3.91 -13.63
C VAL A 469 18.00 4.08 -12.28
N TYR A 470 18.45 2.98 -11.69
CA TYR A 470 19.24 3.01 -10.47
C TYR A 470 20.33 1.96 -10.50
N GLU A 471 21.57 2.37 -10.23
CA GLU A 471 22.70 1.46 -10.21
C GLU A 471 23.77 1.91 -9.22
N ALA A 472 23.91 1.16 -8.14
CA ALA A 472 24.91 1.39 -7.09
C ALA A 472 24.93 2.84 -6.56
N GLY A 473 23.76 3.35 -6.22
CA GLY A 473 23.61 4.69 -5.66
C GLY A 473 23.40 5.81 -6.67
N VAL A 474 23.57 5.50 -7.96
CA VAL A 474 23.49 6.51 -9.02
C VAL A 474 22.18 6.38 -9.80
N PHE A 475 21.51 7.51 -10.02
CA PHE A 475 20.25 7.55 -10.77
C PHE A 475 20.47 7.83 -12.25
N SER A 476 19.69 7.15 -13.10
CA SER A 476 19.67 7.41 -14.54
C SER A 476 18.23 7.70 -14.98
N VAL A 477 17.58 8.62 -14.27
CA VAL A 477 16.17 8.94 -14.52
C VAL A 477 15.99 10.44 -14.72
N THR A 478 14.92 10.81 -15.41
CA THR A 478 14.48 12.21 -15.50
C THR A 478 12.99 12.29 -15.14
N ALA A 479 12.56 13.48 -14.72
CA ALA A 479 11.18 13.71 -14.29
C ALA A 479 10.18 13.49 -15.42
N GLY A 480 9.14 12.73 -15.14
CA GLY A 480 8.10 12.45 -16.14
C GLY A 480 8.35 11.21 -16.98
N ASP A 481 9.47 10.52 -16.70
CA ASP A 481 9.79 9.26 -17.39
C ASP A 481 8.76 8.19 -17.06
N GLY A 482 8.35 8.15 -15.78
CA GLY A 482 7.27 7.28 -15.34
C GLY A 482 5.96 7.69 -15.97
N LYS A 483 5.06 6.73 -16.13
CA LYS A 483 3.80 6.98 -16.82
C LYS A 483 2.63 6.39 -16.05
N PHE A 484 1.48 7.07 -16.10
CA PHE A 484 0.27 6.56 -15.48
C PHE A 484 -0.25 5.39 -16.29
N ILE A 485 -0.51 4.27 -15.61
CA ILE A 485 -1.07 3.11 -16.29
C ILE A 485 -2.48 2.80 -15.77
N PRO A 486 -3.47 2.77 -16.68
CA PRO A 486 -4.87 2.58 -16.30
C PRO A 486 -5.21 1.14 -15.97
N ARG A 487 -6.24 0.96 -15.14
CA ARG A 487 -6.68 -0.35 -14.68
C ARG A 487 -8.13 -0.61 -15.08
N LYS A 488 -8.41 -1.84 -15.52
CA LYS A 488 -9.75 -2.23 -15.94
C LYS A 488 -10.55 -2.81 -14.76
N PRO A 489 -11.88 -2.60 -14.77
CA PRO A 489 -12.79 -3.16 -13.75
C PRO A 489 -12.85 -4.68 -13.75
N PHE A 490 -13.64 -5.23 -12.82
CA PHE A 490 -13.89 -6.67 -12.70
C PHE A 490 -12.61 -7.52 -12.79
N ALA A 491 -11.67 -7.27 -11.89
CA ALA A 491 -10.46 -8.08 -11.81
C ALA A 491 -10.83 -9.52 -11.46
N GLU A 492 -10.55 -10.43 -12.38
CA GLU A 492 -10.90 -11.85 -12.25
C GLU A 492 -10.47 -12.44 -10.90
N TYR A 493 -9.29 -12.05 -10.42
CA TYR A 493 -8.76 -12.54 -9.14
C TYR A 493 -9.68 -12.32 -7.95
N ILE A 494 -10.46 -11.25 -7.99
CA ILE A 494 -11.40 -10.95 -6.89
C ILE A 494 -12.88 -11.09 -7.27
N TYR A 495 -13.21 -10.90 -8.54
CA TYR A 495 -14.62 -10.83 -8.95
C TYR A 495 -15.25 -12.12 -9.48
N LYS A 496 -14.44 -13.04 -9.99
CA LYS A 496 -14.98 -14.28 -10.56
C LYS A 496 -15.77 -15.09 -9.53
N ARG A 497 -15.33 -15.07 -8.28
CA ARG A 497 -16.06 -15.78 -7.23
C ARG A 497 -17.17 -14.94 -6.57
N ILE A 498 -17.10 -13.62 -6.76
CA ILE A 498 -18.18 -12.71 -6.36
C ILE A 498 -19.39 -12.88 -7.31
N LYS A 499 -19.11 -12.99 -8.61
CA LYS A 499 -20.13 -13.13 -9.65
C LYS A 499 -20.91 -14.43 -9.53
N GLN A 500 -20.24 -15.49 -9.09
CA GLN A 500 -20.88 -16.78 -8.86
C GLN A 500 -21.84 -16.73 -7.68
N ARG A 501 -21.51 -15.90 -6.70
CA ARG A 501 -22.30 -15.79 -5.48
C ARG A 501 -23.65 -15.13 -5.75
N ASP A 502 -23.68 -14.20 -6.69
CA ASP A 502 -24.93 -13.61 -7.17
C ASP A 502 -25.83 -14.71 -7.73
N ARG A 503 -25.22 -15.58 -8.55
CA ARG A 503 -25.92 -16.65 -9.25
C ARG A 503 -26.47 -17.74 -8.34
N THR A 504 -25.72 -18.10 -7.30
CA THR A 504 -26.07 -19.28 -6.50
C THR A 504 -26.28 -19.06 -4.98
N CYS A 505 -25.87 -17.91 -4.46
CA CYS A 505 -26.09 -17.59 -3.04
C CYS A 505 -27.23 -16.60 -2.81
N THR A 506 -27.91 -16.23 -3.88
CA THR A 506 -29.13 -15.45 -3.77
C THR A 506 -30.26 -16.38 -3.30
N PRO A 507 -30.86 -16.07 -2.13
CA PRO A 507 -31.90 -16.93 -1.56
C PRO A 507 -33.16 -16.95 -2.40
N THR A 508 -33.95 -18.01 -2.24
CA THR A 508 -35.22 -18.17 -2.93
C THR A 508 -36.32 -18.45 -1.91
N PRO A 509 -37.56 -17.99 -2.18
CA PRO A 509 -38.68 -18.22 -1.24
C PRO A 509 -39.00 -19.69 -1.02
N VAL A 510 -39.55 -19.99 0.16
CA VAL A 510 -40.05 -21.34 0.45
C VAL A 510 -41.52 -21.42 0.05
N GLU A 511 -41.82 -22.28 -0.93
CA GLU A 511 -43.19 -22.42 -1.44
C GLU A 511 -44.15 -22.91 -0.36
N ARG A 512 -45.11 -22.05 -0.02
CA ARG A 512 -46.09 -22.32 1.03
C ARG A 512 -47.49 -21.96 0.55
N ALA A 513 -48.49 -22.57 1.18
CA ALA A 513 -49.87 -22.14 0.99
C ALA A 513 -50.11 -20.87 1.80
N PRO A 514 -50.87 -19.90 1.23
CA PRO A 514 -51.22 -18.69 1.97
C PRO A 514 -52.04 -19.01 3.22
N TYR A 515 -51.67 -18.39 4.35
CA TYR A 515 -52.30 -18.66 5.64
C TYR A 515 -53.81 -18.36 5.64
#